data_2HM6
#
_entry.id   2HM6
#
_entity_poly.entity_id   1
_entity_poly.type   'polypeptide(L)'
_entity_poly.pdbx_seq_one_letter_code
;GSQITGTCPSVCSGDCYPECPPGCCGQVNLN
;
_entity_poly.pdbx_strand_id   A
#
# COMPACT_ATOMS: atom_id res chain seq x y z
N GLY A 1 24.57 6.78 -1.81
CA GLY A 1 23.12 6.99 -2.11
C GLY A 1 22.23 6.49 -1.00
N SER A 2 20.95 6.85 -1.07
CA SER A 2 19.98 6.42 -0.05
C SER A 2 19.43 5.05 -0.37
N GLN A 3 19.00 4.33 0.66
CA GLN A 3 18.45 2.98 0.49
C GLN A 3 16.93 3.03 0.29
N ILE A 4 16.41 2.04 -0.43
CA ILE A 4 14.99 1.95 -0.69
C ILE A 4 14.34 0.88 0.16
N THR A 5 13.21 1.22 0.76
CA THR A 5 12.48 0.29 1.61
C THR A 5 12.00 -0.91 0.80
N GLY A 6 11.36 -0.62 -0.31
CA GLY A 6 10.85 -1.66 -1.17
C GLY A 6 10.21 -1.14 -2.45
N THR A 7 9.05 -0.53 -2.32
CA THR A 7 8.34 0.01 -3.46
C THR A 7 7.14 0.84 -3.03
N CYS A 8 6.18 0.20 -2.38
CA CYS A 8 4.97 0.88 -1.93
C CYS A 8 5.27 1.73 -0.71
N PRO A 9 4.79 2.98 -0.66
CA PRO A 9 5.02 3.82 0.50
C PRO A 9 4.44 3.16 1.74
N SER A 10 5.19 3.21 2.82
CA SER A 10 4.78 2.62 4.09
C SER A 10 3.36 3.03 4.44
N VAL A 11 3.01 4.24 4.04
CA VAL A 11 1.68 4.77 4.30
C VAL A 11 0.61 3.87 3.70
N CYS A 12 0.98 3.16 2.64
CA CYS A 12 0.05 2.26 2.00
C CYS A 12 -0.19 1.04 2.87
N SER A 13 0.76 0.75 3.75
CA SER A 13 0.60 -0.38 4.65
C SER A 13 -0.50 0.00 5.63
N GLY A 14 -0.55 1.30 5.94
CA GLY A 14 -1.57 1.79 6.82
C GLY A 14 -2.74 2.38 6.04
N ASP A 15 -2.66 3.68 5.74
CA ASP A 15 -3.72 4.34 5.00
C ASP A 15 -3.62 4.14 3.51
N CYS A 16 -4.51 3.35 2.98
CA CYS A 16 -4.54 3.11 1.55
C CYS A 16 -5.26 4.21 0.79
N TYR A 17 -4.76 5.43 0.93
CA TYR A 17 -5.38 6.56 0.24
C TYR A 17 -5.14 6.46 -1.26
N PRO A 18 -5.96 7.18 -2.06
CA PRO A 18 -5.88 7.18 -3.52
C PRO A 18 -4.45 7.25 -4.08
N GLU A 19 -3.50 7.72 -3.28
CA GLU A 19 -2.12 7.82 -3.76
C GLU A 19 -1.48 6.44 -3.90
N CYS A 20 -2.03 5.47 -3.19
CA CYS A 20 -1.52 4.11 -3.22
C CYS A 20 -1.73 3.42 -4.56
N PRO A 21 -0.65 2.92 -5.17
CA PRO A 21 -0.74 2.21 -6.45
C PRO A 21 -1.46 0.87 -6.32
N PRO A 22 -1.82 0.26 -7.46
CA PRO A 22 -2.53 -1.02 -7.51
C PRO A 22 -1.78 -2.19 -6.87
N GLY A 23 -2.47 -2.90 -5.99
CA GLY A 23 -1.94 -4.08 -5.36
C GLY A 23 -0.96 -3.83 -4.23
N CYS A 24 -0.86 -2.60 -3.75
CA CYS A 24 0.04 -2.33 -2.65
C CYS A 24 -0.63 -2.58 -1.31
N CYS A 25 -1.78 -1.95 -1.13
CA CYS A 25 -2.52 -2.04 0.09
C CYS A 25 -3.45 -3.25 0.14
N GLY A 26 -3.71 -3.70 1.36
CA GLY A 26 -4.57 -4.85 1.56
C GLY A 26 -6.04 -4.54 1.30
N GLN A 27 -6.60 -3.64 2.10
CA GLN A 27 -8.02 -3.27 1.94
C GLN A 27 -8.21 -2.42 0.69
N VAL A 28 -8.28 -3.08 -0.46
CA VAL A 28 -8.46 -2.38 -1.72
C VAL A 28 -9.84 -1.70 -1.79
N ASN A 29 -9.81 -0.40 -2.04
CA ASN A 29 -11.05 0.38 -2.13
C ASN A 29 -11.41 0.66 -3.59
N LEU A 30 -12.62 1.17 -3.80
CA LEU A 30 -13.09 1.48 -5.15
C LEU A 30 -13.11 0.23 -6.03
N ASN A 31 -14.00 -0.70 -5.70
CA ASN A 31 -14.13 -1.94 -6.46
C ASN A 31 -12.84 -2.75 -6.38
N GLY A 1 18.00 -10.59 -10.89
CA GLY A 1 16.71 -10.20 -11.51
C GLY A 1 15.92 -9.22 -10.67
N SER A 2 16.18 -7.93 -10.86
CA SER A 2 15.49 -6.89 -10.10
C SER A 2 15.71 -7.06 -8.61
N GLN A 3 15.47 -5.99 -7.85
CA GLN A 3 15.66 -6.01 -6.41
C GLN A 3 14.42 -5.48 -5.69
N ILE A 4 14.10 -6.08 -4.54
CA ILE A 4 12.95 -5.66 -3.77
C ILE A 4 13.34 -5.30 -2.35
N THR A 5 12.86 -4.15 -1.89
CA THR A 5 13.16 -3.66 -0.55
C THR A 5 11.99 -2.86 0.02
N GLY A 6 11.14 -2.36 -0.86
CA GLY A 6 10.00 -1.58 -0.43
C GLY A 6 9.62 -0.51 -1.44
N THR A 7 8.75 -0.88 -2.39
CA THR A 7 8.31 0.05 -3.41
C THR A 7 7.14 0.89 -2.92
N CYS A 8 6.17 0.24 -2.29
CA CYS A 8 5.00 0.93 -1.79
C CYS A 8 5.33 1.72 -0.54
N PRO A 9 4.96 3.01 -0.50
CA PRO A 9 5.21 3.82 0.67
C PRO A 9 4.62 3.19 1.90
N SER A 10 5.34 3.26 3.00
CA SER A 10 4.90 2.69 4.27
C SER A 10 3.47 3.09 4.58
N VAL A 11 3.09 4.28 4.14
CA VAL A 11 1.75 4.80 4.37
C VAL A 11 0.73 3.86 3.77
N CYS A 12 1.12 3.13 2.74
CA CYS A 12 0.21 2.19 2.11
C CYS A 12 0.00 0.99 3.02
N SER A 13 0.96 0.73 3.91
CA SER A 13 0.82 -0.35 4.85
C SER A 13 -0.26 0.03 5.84
N GLY A 14 -0.32 1.32 6.15
CA GLY A 14 -1.33 1.82 7.04
C GLY A 14 -2.51 2.41 6.29
N ASP A 15 -2.40 3.68 5.88
CA ASP A 15 -3.47 4.33 5.16
C ASP A 15 -3.48 3.97 3.69
N CYS A 16 -4.46 3.20 3.32
CA CYS A 16 -4.64 2.80 1.92
C CYS A 16 -5.34 3.87 1.11
N TYR A 17 -4.82 5.08 1.16
CA TYR A 17 -5.44 6.16 0.39
C TYR A 17 -5.21 5.94 -1.11
N PRO A 18 -6.04 6.56 -1.95
CA PRO A 18 -5.98 6.40 -3.40
C PRO A 18 -4.62 6.69 -4.03
N GLU A 19 -3.69 7.26 -3.27
CA GLU A 19 -2.36 7.56 -3.82
C GLU A 19 -1.59 6.27 -4.05
N CYS A 20 -1.89 5.26 -3.25
CA CYS A 20 -1.22 3.98 -3.33
C CYS A 20 -1.54 3.25 -4.64
N PRO A 21 -0.49 2.87 -5.40
CA PRO A 21 -0.67 2.16 -6.66
C PRO A 21 -1.42 0.85 -6.48
N PRO A 22 -1.77 0.20 -7.60
CA PRO A 22 -2.49 -1.07 -7.61
C PRO A 22 -1.72 -2.20 -6.92
N GLY A 23 -2.38 -2.83 -5.96
CA GLY A 23 -1.83 -3.96 -5.24
C GLY A 23 -0.90 -3.63 -4.10
N CYS A 24 -0.82 -2.36 -3.71
CA CYS A 24 0.03 -2.00 -2.59
C CYS A 24 -0.75 -2.18 -1.30
N CYS A 25 -2.04 -1.90 -1.36
CA CYS A 25 -2.89 -1.98 -0.23
C CYS A 25 -4.33 -2.23 -0.64
N GLY A 26 -5.09 -2.89 0.23
CA GLY A 26 -6.47 -3.18 -0.05
C GLY A 26 -7.43 -2.54 0.93
N GLN A 27 -7.46 -3.07 2.15
CA GLN A 27 -8.32 -2.56 3.20
C GLN A 27 -8.03 -1.10 3.49
N VAL A 28 -8.83 -0.21 2.93
CA VAL A 28 -8.64 1.21 3.15
C VAL A 28 -8.86 1.57 4.61
N ASN A 29 -8.07 2.52 5.11
CA ASN A 29 -8.17 2.95 6.50
C ASN A 29 -8.47 4.44 6.60
N LEU A 30 -8.91 4.87 7.77
CA LEU A 30 -9.24 6.27 7.99
C LEU A 30 -10.34 6.73 7.03
N ASN A 31 -11.50 6.07 7.12
CA ASN A 31 -12.62 6.40 6.26
C ASN A 31 -13.94 6.24 7.01
N GLY A 1 7.61 -10.75 12.06
CA GLY A 1 6.60 -10.58 10.98
C GLY A 1 6.79 -9.27 10.21
N SER A 2 7.91 -9.17 9.49
CA SER A 2 8.20 -7.98 8.71
C SER A 2 8.31 -8.32 7.22
N GLN A 3 7.71 -7.48 6.38
CA GLN A 3 7.75 -7.69 4.94
C GLN A 3 8.15 -6.41 4.21
N ILE A 4 8.97 -6.56 3.17
CA ILE A 4 9.42 -5.42 2.39
C ILE A 4 9.04 -5.59 0.92
N THR A 5 8.46 -4.55 0.36
CA THR A 5 8.05 -4.56 -1.04
C THR A 5 8.92 -3.64 -1.89
N GLY A 6 9.59 -2.72 -1.22
CA GLY A 6 10.46 -1.77 -1.89
C GLY A 6 9.81 -1.09 -3.06
N THR A 7 8.72 -0.38 -2.79
CA THR A 7 7.99 0.33 -3.80
C THR A 7 6.83 1.10 -3.18
N CYS A 8 5.96 0.37 -2.48
CA CYS A 8 4.80 0.99 -1.85
C CYS A 8 5.20 1.74 -0.60
N PRO A 9 4.86 3.04 -0.54
CA PRO A 9 5.15 3.85 0.62
C PRO A 9 4.58 3.20 1.87
N SER A 10 5.34 3.26 2.95
CA SER A 10 4.93 2.67 4.22
C SER A 10 3.49 3.04 4.55
N VAL A 11 3.10 4.23 4.16
CA VAL A 11 1.77 4.74 4.41
C VAL A 11 0.73 3.80 3.80
N CYS A 12 1.12 3.08 2.76
CA CYS A 12 0.21 2.15 2.13
C CYS A 12 -0.01 0.96 3.04
N SER A 13 0.95 0.70 3.92
CA SER A 13 0.81 -0.38 4.87
C SER A 13 -0.28 0.02 5.85
N GLY A 14 -0.31 1.33 6.15
CA GLY A 14 -1.32 1.85 7.03
C GLY A 14 -2.50 2.46 6.29
N ASP A 15 -2.35 3.72 5.86
CA ASP A 15 -3.40 4.41 5.13
C ASP A 15 -3.43 4.03 3.67
N CYS A 16 -4.44 3.29 3.30
CA CYS A 16 -4.62 2.86 1.92
C CYS A 16 -5.29 3.93 1.08
N TYR A 17 -4.76 5.14 1.10
CA TYR A 17 -5.34 6.21 0.31
C TYR A 17 -5.08 5.96 -1.18
N PRO A 18 -5.90 6.60 -2.05
CA PRO A 18 -5.81 6.43 -3.51
C PRO A 18 -4.43 6.70 -4.11
N GLU A 19 -3.50 7.26 -3.34
CA GLU A 19 -2.18 7.55 -3.87
C GLU A 19 -1.41 6.25 -4.10
N CYS A 20 -1.74 5.26 -3.29
CA CYS A 20 -1.09 3.95 -3.35
C CYS A 20 -1.44 3.23 -4.64
N PRO A 21 -0.41 2.82 -5.42
CA PRO A 21 -0.63 2.11 -6.68
C PRO A 21 -1.36 0.78 -6.50
N PRO A 22 -1.72 0.13 -7.61
CA PRO A 22 -2.44 -1.14 -7.62
C PRO A 22 -1.68 -2.26 -6.90
N GLY A 23 -2.37 -2.89 -5.95
CA GLY A 23 -1.83 -4.00 -5.22
C GLY A 23 -0.92 -3.64 -4.06
N CYS A 24 -0.88 -2.37 -3.68
CA CYS A 24 -0.07 -1.98 -2.55
C CYS A 24 -0.86 -2.17 -1.27
N CYS A 25 -2.15 -1.91 -1.35
CA CYS A 25 -3.02 -1.98 -0.22
C CYS A 25 -4.46 -2.27 -0.64
N GLY A 26 -5.21 -2.92 0.24
CA GLY A 26 -6.59 -3.26 -0.06
C GLY A 26 -7.59 -2.50 0.80
N GLN A 27 -7.80 -2.97 2.02
CA GLN A 27 -8.75 -2.35 2.94
C GLN A 27 -8.50 -0.85 3.04
N VAL A 28 -9.28 -0.07 2.31
CA VAL A 28 -9.12 1.36 2.32
C VAL A 28 -9.79 1.99 3.55
N ASN A 29 -9.14 2.99 4.13
CA ASN A 29 -9.67 3.66 5.30
C ASN A 29 -10.52 4.87 4.89
N LEU A 30 -11.69 4.59 4.33
CA LEU A 30 -12.59 5.66 3.90
C LEU A 30 -13.95 5.51 4.57
N ASN A 31 -13.95 5.30 5.87
CA ASN A 31 -15.18 5.14 6.63
C ASN A 31 -14.96 5.46 8.10
N GLY A 1 11.13 -9.35 12.18
CA GLY A 1 10.12 -9.45 11.09
C GLY A 1 10.38 -8.45 9.98
N SER A 2 9.97 -7.20 10.20
CA SER A 2 10.16 -6.14 9.21
C SER A 2 9.66 -6.57 7.84
N GLN A 3 8.39 -6.35 7.57
CA GLN A 3 7.80 -6.71 6.28
C GLN A 3 7.40 -5.46 5.51
N ILE A 4 8.39 -4.81 4.91
CA ILE A 4 8.13 -3.60 4.13
C ILE A 4 8.09 -3.93 2.64
N THR A 5 7.09 -3.39 1.97
CA THR A 5 6.91 -3.60 0.54
C THR A 5 8.15 -3.22 -0.23
N GLY A 6 8.68 -2.07 0.11
CA GLY A 6 9.87 -1.56 -0.56
C GLY A 6 9.53 -0.47 -1.54
N THR A 7 8.70 -0.81 -2.50
CA THR A 7 8.26 0.14 -3.53
C THR A 7 7.10 0.97 -3.01
N CYS A 8 6.14 0.31 -2.38
CA CYS A 8 4.95 0.99 -1.87
C CYS A 8 5.30 1.78 -0.62
N PRO A 9 4.90 3.05 -0.56
CA PRO A 9 5.16 3.88 0.61
C PRO A 9 4.58 3.22 1.85
N SER A 10 5.33 3.29 2.93
CA SER A 10 4.90 2.71 4.20
C SER A 10 3.46 3.09 4.54
N VAL A 11 3.08 4.28 4.13
CA VAL A 11 1.75 4.78 4.37
C VAL A 11 0.72 3.84 3.76
N CYS A 12 1.11 3.14 2.71
CA CYS A 12 0.22 2.22 2.06
C CYS A 12 0.01 1.00 2.94
N SER A 13 0.96 0.74 3.84
CA SER A 13 0.83 -0.37 4.75
C SER A 13 -0.28 -0.01 5.73
N GLY A 14 -0.36 1.28 6.05
CA GLY A 14 -1.39 1.76 6.92
C GLY A 14 -2.57 2.37 6.17
N ASP A 15 -2.44 3.65 5.78
CA ASP A 15 -3.50 4.32 5.06
C ASP A 15 -3.49 3.98 3.59
N CYS A 16 -4.50 3.26 3.19
CA CYS A 16 -4.67 2.87 1.79
C CYS A 16 -5.34 3.96 0.97
N TYR A 17 -4.83 5.18 1.08
CA TYR A 17 -5.41 6.29 0.33
C TYR A 17 -5.14 6.17 -1.17
N PRO A 18 -5.99 6.83 -1.99
CA PRO A 18 -5.90 6.82 -3.45
C PRO A 18 -4.48 6.93 -4.01
N GLU A 19 -3.53 7.42 -3.21
CA GLU A 19 -2.16 7.57 -3.69
C GLU A 19 -1.50 6.20 -3.90
N CYS A 20 -1.99 5.22 -3.16
CA CYS A 20 -1.45 3.87 -3.24
C CYS A 20 -1.75 3.23 -4.59
N PRO A 21 -0.70 2.76 -5.30
CA PRO A 21 -0.88 2.11 -6.59
C PRO A 21 -1.52 0.73 -6.45
N PRO A 22 -1.82 0.10 -7.58
CA PRO A 22 -2.45 -1.22 -7.63
C PRO A 22 -1.66 -2.30 -6.91
N GLY A 23 -2.33 -2.96 -5.98
CA GLY A 23 -1.76 -4.06 -5.22
C GLY A 23 -0.86 -3.68 -4.08
N CYS A 24 -0.80 -2.40 -3.73
CA CYS A 24 0.02 -1.99 -2.61
C CYS A 24 -0.73 -2.13 -1.31
N CYS A 25 -2.05 -1.92 -1.38
CA CYS A 25 -2.87 -1.95 -0.22
C CYS A 25 -4.32 -2.31 -0.56
N GLY A 26 -4.99 -2.94 0.40
CA GLY A 26 -6.36 -3.33 0.22
C GLY A 26 -6.86 -4.18 1.37
N GLN A 27 -7.32 -3.52 2.43
CA GLN A 27 -7.82 -4.22 3.62
C GLN A 27 -9.22 -3.74 3.97
N VAL A 28 -10.22 -4.29 3.29
CA VAL A 28 -11.60 -3.92 3.54
C VAL A 28 -12.24 -4.85 4.57
N ASN A 29 -12.91 -4.27 5.56
CA ASN A 29 -13.56 -5.04 6.61
C ASN A 29 -14.69 -4.23 7.26
N LEU A 30 -15.64 -4.94 7.87
CA LEU A 30 -16.76 -4.28 8.53
C LEU A 30 -17.43 -5.22 9.52
N ASN A 31 -16.68 -5.66 10.52
CA ASN A 31 -17.20 -6.56 11.54
C ASN A 31 -16.15 -6.84 12.61
N GLY A 1 8.57 -14.48 -8.19
CA GLY A 1 9.48 -13.96 -7.13
C GLY A 1 9.42 -12.45 -7.01
N SER A 2 9.85 -11.76 -8.07
CA SER A 2 9.85 -10.30 -8.08
C SER A 2 10.61 -9.73 -6.88
N GLN A 3 11.88 -9.41 -7.08
CA GLN A 3 12.71 -8.85 -6.02
C GLN A 3 12.27 -7.43 -5.68
N ILE A 4 11.57 -7.29 -4.56
CA ILE A 4 11.10 -5.98 -4.12
C ILE A 4 11.66 -5.64 -2.75
N THR A 5 12.15 -4.41 -2.61
CA THR A 5 12.71 -3.94 -1.35
C THR A 5 11.73 -3.03 -0.63
N GLY A 6 10.91 -2.35 -1.42
CA GLY A 6 9.93 -1.44 -0.86
C GLY A 6 9.51 -0.36 -1.84
N THR A 7 8.61 -0.72 -2.75
CA THR A 7 8.14 0.23 -3.75
C THR A 7 6.99 1.07 -3.21
N CYS A 8 6.01 0.40 -2.60
CA CYS A 8 4.87 1.09 -2.06
C CYS A 8 5.24 1.82 -0.78
N PRO A 9 4.85 3.09 -0.65
CA PRO A 9 5.15 3.85 0.56
C PRO A 9 4.55 3.17 1.78
N SER A 10 5.30 3.17 2.86
CA SER A 10 4.86 2.55 4.11
C SER A 10 3.44 2.96 4.47
N VAL A 11 3.09 4.18 4.07
CA VAL A 11 1.76 4.71 4.33
C VAL A 11 0.71 3.80 3.74
N CYS A 12 1.09 3.07 2.68
CA CYS A 12 0.17 2.17 2.05
C CYS A 12 -0.07 0.96 2.94
N SER A 13 0.88 0.69 3.83
CA SER A 13 0.73 -0.41 4.77
C SER A 13 -0.35 -0.02 5.76
N GLY A 14 -0.38 1.27 6.08
CA GLY A 14 -1.39 1.78 6.98
C GLY A 14 -2.56 2.42 6.25
N ASP A 15 -2.40 3.69 5.83
CA ASP A 15 -3.46 4.39 5.13
C ASP A 15 -3.50 4.02 3.66
N CYS A 16 -4.51 3.30 3.31
CA CYS A 16 -4.71 2.88 1.93
C CYS A 16 -5.39 3.96 1.10
N TYR A 17 -4.86 5.17 1.15
CA TYR A 17 -5.44 6.26 0.38
C TYR A 17 -5.22 6.03 -1.11
N PRO A 18 -6.03 6.70 -1.96
CA PRO A 18 -5.97 6.54 -3.42
C PRO A 18 -4.59 6.76 -4.03
N GLU A 19 -3.65 7.29 -3.26
CA GLU A 19 -2.30 7.52 -3.80
C GLU A 19 -1.59 6.18 -4.01
N CYS A 20 -2.02 5.19 -3.25
CA CYS A 20 -1.41 3.87 -3.28
C CYS A 20 -1.62 3.15 -4.62
N PRO A 21 -0.51 2.75 -5.26
CA PRO A 21 -0.55 2.03 -6.53
C PRO A 21 -1.40 0.76 -6.45
N PRO A 22 -1.65 0.12 -7.60
CA PRO A 22 -2.43 -1.12 -7.66
C PRO A 22 -1.74 -2.24 -6.91
N GLY A 23 -2.47 -2.83 -5.97
CA GLY A 23 -1.95 -3.95 -5.20
C GLY A 23 -0.98 -3.55 -4.11
N CYS A 24 -0.93 -2.27 -3.76
CA CYS A 24 -0.06 -1.82 -2.70
C CYS A 24 -0.75 -1.99 -1.36
N CYS A 25 -2.07 -1.81 -1.36
CA CYS A 25 -2.85 -1.87 -0.18
C CYS A 25 -4.30 -2.26 -0.46
N GLY A 26 -4.93 -2.90 0.51
CA GLY A 26 -6.30 -3.33 0.37
C GLY A 26 -6.75 -4.18 1.54
N GLN A 27 -7.11 -3.54 2.64
CA GLN A 27 -7.56 -4.25 3.84
C GLN A 27 -8.96 -3.82 4.24
N VAL A 28 -9.96 -4.51 3.71
CA VAL A 28 -11.35 -4.20 4.01
C VAL A 28 -11.79 -4.93 5.27
N ASN A 29 -12.14 -4.16 6.30
CA ASN A 29 -12.59 -4.73 7.57
C ASN A 29 -13.88 -4.09 8.04
N LEU A 30 -14.76 -4.90 8.63
CA LEU A 30 -16.04 -4.40 9.14
C LEU A 30 -16.85 -3.73 8.02
N ASN A 31 -16.59 -4.12 6.79
CA ASN A 31 -17.30 -3.56 5.64
C ASN A 31 -16.83 -4.19 4.34
N GLY A 1 14.66 -17.19 -3.60
CA GLY A 1 15.21 -16.29 -2.55
C GLY A 1 14.23 -15.21 -2.13
N SER A 2 14.74 -14.08 -1.68
CA SER A 2 13.89 -12.97 -1.25
C SER A 2 14.22 -11.70 -2.04
N GLN A 3 13.18 -10.95 -2.41
CA GLN A 3 13.36 -9.72 -3.15
C GLN A 3 12.55 -8.58 -2.55
N ILE A 4 13.14 -7.88 -1.60
CA ILE A 4 12.47 -6.77 -0.94
C ILE A 4 13.24 -5.47 -1.15
N THR A 5 12.52 -4.43 -1.55
CA THR A 5 13.13 -3.13 -1.78
C THR A 5 12.24 -2.01 -1.24
N GLY A 6 10.96 -2.29 -1.13
CA GLY A 6 10.01 -1.30 -0.63
C GLY A 6 9.56 -0.35 -1.71
N THR A 7 8.65 -0.82 -2.57
CA THR A 7 8.14 0.00 -3.65
C THR A 7 6.97 0.85 -3.18
N CYS A 8 6.01 0.21 -2.54
CA CYS A 8 4.84 0.91 -2.05
C CYS A 8 5.18 1.71 -0.81
N PRO A 9 4.72 2.97 -0.71
CA PRO A 9 4.99 3.78 0.47
C PRO A 9 4.41 3.11 1.70
N SER A 10 5.19 3.13 2.77
CA SER A 10 4.76 2.52 4.03
C SER A 10 3.35 2.96 4.41
N VAL A 11 3.01 4.17 4.02
CA VAL A 11 1.70 4.72 4.30
C VAL A 11 0.62 3.84 3.71
N CYS A 12 0.97 3.12 2.65
CA CYS A 12 0.03 2.22 2.01
C CYS A 12 -0.20 1.01 2.89
N SER A 13 0.74 0.73 3.79
CA SER A 13 0.57 -0.37 4.71
C SER A 13 -0.54 0.02 5.67
N GLY A 14 -0.57 1.32 5.98
CA GLY A 14 -1.60 1.84 6.83
C GLY A 14 -2.76 2.43 6.05
N ASP A 15 -2.66 3.72 5.72
CA ASP A 15 -3.71 4.39 4.97
C ASP A 15 -3.60 4.16 3.48
N CYS A 16 -4.49 3.37 2.96
CA CYS A 16 -4.53 3.11 1.54
C CYS A 16 -5.24 4.21 0.76
N TYR A 17 -4.73 5.43 0.88
CA TYR A 17 -5.32 6.55 0.17
C TYR A 17 -5.07 6.44 -1.34
N PRO A 18 -5.88 7.17 -2.13
CA PRO A 18 -5.78 7.16 -3.60
C PRO A 18 -4.35 7.19 -4.14
N GLU A 19 -3.40 7.69 -3.35
CA GLU A 19 -2.01 7.77 -3.82
C GLU A 19 -1.39 6.38 -3.93
N CYS A 20 -1.99 5.42 -3.22
CA CYS A 20 -1.50 4.05 -3.20
C CYS A 20 -1.65 3.34 -4.54
N PRO A 21 -0.52 2.82 -5.06
CA PRO A 21 -0.50 2.08 -6.32
C PRO A 21 -1.41 0.85 -6.26
N PRO A 22 -1.73 0.26 -7.42
CA PRO A 22 -2.58 -0.93 -7.51
C PRO A 22 -1.91 -2.15 -6.87
N GLY A 23 -2.64 -2.83 -5.99
CA GLY A 23 -2.14 -4.03 -5.35
C GLY A 23 -1.12 -3.79 -4.27
N CYS A 24 -1.02 -2.55 -3.79
CA CYS A 24 -0.08 -2.26 -2.72
C CYS A 24 -0.71 -2.54 -1.37
N CYS A 25 -1.88 -1.95 -1.15
CA CYS A 25 -2.60 -2.08 0.08
C CYS A 25 -3.48 -3.31 0.13
N GLY A 26 -3.72 -3.79 1.34
CA GLY A 26 -4.53 -4.97 1.54
C GLY A 26 -6.00 -4.75 1.22
N GLN A 27 -6.60 -3.75 1.86
CA GLN A 27 -8.00 -3.44 1.65
C GLN A 27 -8.26 -3.13 0.18
N VAL A 28 -8.79 -4.13 -0.52
CA VAL A 28 -9.07 -3.97 -1.93
C VAL A 28 -10.44 -3.33 -2.16
N ASN A 29 -10.44 -2.13 -2.73
CA ASN A 29 -11.69 -1.42 -2.99
C ASN A 29 -11.54 -0.49 -4.19
N LEU A 30 -12.50 -0.55 -5.11
CA LEU A 30 -12.47 0.29 -6.30
C LEU A 30 -13.76 1.10 -6.43
N ASN A 31 -14.26 1.59 -5.31
CA ASN A 31 -15.49 2.38 -5.30
C ASN A 31 -16.67 1.54 -5.77
N GLY A 1 -3.21 -9.61 -4.88
CA GLY A 1 -2.13 -9.93 -5.86
C GLY A 1 -0.78 -10.11 -5.20
N SER A 2 -0.18 -9.01 -4.74
CA SER A 2 1.11 -9.05 -4.09
C SER A 2 1.17 -8.04 -2.95
N GLN A 3 2.09 -8.26 -2.01
CA GLN A 3 2.24 -7.37 -0.86
C GLN A 3 3.71 -7.04 -0.62
N ILE A 4 4.03 -5.74 -0.63
CA ILE A 4 5.39 -5.29 -0.40
C ILE A 4 5.38 -3.86 0.14
N THR A 5 6.42 -3.51 0.88
CA THR A 5 6.54 -2.18 1.47
C THR A 5 7.73 -1.42 0.91
N GLY A 6 8.66 -2.14 0.30
CA GLY A 6 9.84 -1.53 -0.28
C GLY A 6 9.50 -0.48 -1.31
N THR A 7 8.69 -0.88 -2.28
CA THR A 7 8.28 0.01 -3.35
C THR A 7 7.12 0.89 -2.89
N CYS A 8 6.13 0.27 -2.26
CA CYS A 8 4.95 0.98 -1.79
C CYS A 8 5.29 1.77 -0.54
N PRO A 9 4.91 3.05 -0.49
CA PRO A 9 5.17 3.87 0.68
C PRO A 9 4.59 3.23 1.92
N SER A 10 5.32 3.30 3.00
CA SER A 10 4.90 2.73 4.28
C SER A 10 3.46 3.12 4.59
N VAL A 11 3.09 4.32 4.17
CA VAL A 11 1.74 4.82 4.40
C VAL A 11 0.72 3.90 3.78
N CYS A 12 1.13 3.18 2.74
CA CYS A 12 0.24 2.25 2.08
C CYS A 12 0.01 1.03 2.96
N SER A 13 0.94 0.77 3.86
CA SER A 13 0.80 -0.33 4.79
C SER A 13 -0.31 0.03 5.76
N GLY A 14 -0.37 1.33 6.07
CA GLY A 14 -1.41 1.81 6.95
C GLY A 14 -2.57 2.43 6.20
N ASP A 15 -2.43 3.70 5.79
CA ASP A 15 -3.49 4.38 5.06
C ASP A 15 -3.48 4.03 3.59
N CYS A 16 -4.50 3.30 3.19
CA CYS A 16 -4.67 2.90 1.81
C CYS A 16 -5.32 3.99 0.98
N TYR A 17 -4.80 5.21 1.07
CA TYR A 17 -5.39 6.30 0.32
C TYR A 17 -5.11 6.16 -1.19
N PRO A 18 -5.96 6.82 -2.01
CA PRO A 18 -5.86 6.77 -3.48
C PRO A 18 -4.44 6.90 -4.02
N GLU A 19 -3.49 7.36 -3.22
CA GLU A 19 -2.12 7.52 -3.70
C GLU A 19 -1.46 6.16 -3.93
N CYS A 20 -1.91 5.17 -3.19
CA CYS A 20 -1.37 3.83 -3.28
C CYS A 20 -1.70 3.18 -4.63
N PRO A 21 -0.66 2.72 -5.36
CA PRO A 21 -0.86 2.08 -6.65
C PRO A 21 -1.49 0.70 -6.51
N PRO A 22 -1.80 0.06 -7.65
CA PRO A 22 -2.43 -1.26 -7.68
C PRO A 22 -1.63 -2.35 -6.96
N GLY A 23 -2.29 -2.95 -5.99
CA GLY A 23 -1.72 -4.05 -5.23
C GLY A 23 -0.82 -3.64 -4.08
N CYS A 24 -0.79 -2.37 -3.74
CA CYS A 24 0.02 -1.94 -2.61
C CYS A 24 -0.75 -2.09 -1.31
N CYS A 25 -2.05 -1.86 -1.38
CA CYS A 25 -2.88 -1.91 -0.24
C CYS A 25 -4.33 -2.25 -0.59
N GLY A 26 -5.02 -2.88 0.36
CA GLY A 26 -6.39 -3.25 0.15
C GLY A 26 -6.94 -4.07 1.31
N GLN A 27 -7.33 -3.38 2.38
CA GLN A 27 -7.85 -4.06 3.56
C GLN A 27 -9.36 -3.88 3.67
N VAL A 28 -10.10 -4.70 2.95
CA VAL A 28 -11.55 -4.65 2.96
C VAL A 28 -12.15 -6.02 2.63
N ASN A 29 -13.05 -6.49 3.49
CA ASN A 29 -13.67 -7.79 3.27
C ASN A 29 -14.84 -8.00 4.24
N LEU A 30 -16.02 -7.55 3.84
CA LEU A 30 -17.21 -7.70 4.66
C LEU A 30 -18.08 -8.84 4.16
N ASN A 31 -17.46 -10.01 3.98
CA ASN A 31 -18.17 -11.19 3.49
C ASN A 31 -17.27 -12.42 3.58
N GLY A 1 15.79 2.95 -14.31
CA GLY A 1 15.20 1.77 -13.61
C GLY A 1 15.10 1.97 -12.11
N SER A 2 16.24 2.01 -11.43
CA SER A 2 16.27 2.20 -9.99
C SER A 2 15.44 1.13 -9.28
N GLN A 3 16.10 0.06 -8.84
CA GLN A 3 15.42 -1.02 -8.15
C GLN A 3 15.87 -1.09 -6.69
N ILE A 4 14.91 -1.08 -5.77
CA ILE A 4 15.21 -1.14 -4.35
C ILE A 4 14.03 -1.71 -3.56
N THR A 5 14.33 -2.35 -2.44
CA THR A 5 13.29 -2.93 -1.60
C THR A 5 12.39 -1.84 -1.03
N GLY A 6 11.08 -2.04 -1.14
CA GLY A 6 10.13 -1.07 -0.64
C GLY A 6 9.66 -0.12 -1.71
N THR A 7 8.77 -0.61 -2.58
CA THR A 7 8.25 0.20 -3.67
C THR A 7 7.05 1.00 -3.19
N CYS A 8 6.09 0.31 -2.59
CA CYS A 8 4.89 0.98 -2.11
C CYS A 8 5.20 1.75 -0.84
N PRO A 9 4.75 3.01 -0.73
CA PRO A 9 4.98 3.81 0.46
C PRO A 9 4.39 3.12 1.67
N SER A 10 5.16 3.11 2.76
CA SER A 10 4.72 2.49 4.00
C SER A 10 3.31 2.93 4.38
N VAL A 11 2.98 4.15 3.99
CA VAL A 11 1.67 4.71 4.27
C VAL A 11 0.60 3.82 3.67
N CYS A 12 0.94 3.12 2.60
CA CYS A 12 -0.01 2.22 1.98
C CYS A 12 -0.24 1.01 2.85
N SER A 13 0.70 0.73 3.74
CA SER A 13 0.54 -0.38 4.66
C SER A 13 -0.57 0.00 5.62
N GLY A 14 -0.60 1.28 5.95
CA GLY A 14 -1.63 1.79 6.82
C GLY A 14 -2.79 2.39 6.05
N ASP A 15 -2.70 3.69 5.74
CA ASP A 15 -3.75 4.36 5.00
C ASP A 15 -3.65 4.14 3.51
N CYS A 16 -4.54 3.36 2.98
CA CYS A 16 -4.56 3.11 1.56
C CYS A 16 -5.29 4.21 0.80
N TYR A 17 -4.78 5.42 0.90
CA TYR A 17 -5.38 6.54 0.21
C TYR A 17 -5.15 6.43 -1.31
N PRO A 18 -5.96 7.15 -2.10
CA PRO A 18 -5.89 7.14 -3.57
C PRO A 18 -4.46 7.20 -4.13
N GLU A 19 -3.50 7.68 -3.34
CA GLU A 19 -2.12 7.77 -3.83
C GLU A 19 -1.50 6.38 -3.96
N CYS A 20 -2.07 5.43 -3.24
CA CYS A 20 -1.57 4.05 -3.24
C CYS A 20 -1.74 3.34 -4.57
N PRO A 21 -0.62 2.85 -5.12
CA PRO A 21 -0.61 2.10 -6.37
C PRO A 21 -1.51 0.87 -6.31
N PRO A 22 -1.80 0.25 -7.47
CA PRO A 22 -2.62 -0.95 -7.55
C PRO A 22 -1.93 -2.15 -6.91
N GLY A 23 -2.65 -2.82 -6.00
CA GLY A 23 -2.13 -4.00 -5.35
C GLY A 23 -1.09 -3.75 -4.29
N CYS A 24 -0.97 -2.50 -3.83
CA CYS A 24 -0.02 -2.20 -2.79
C CYS A 24 -0.62 -2.46 -1.41
N CYS A 25 -1.79 -1.88 -1.20
CA CYS A 25 -2.47 -1.99 0.06
C CYS A 25 -3.34 -3.23 0.15
N GLY A 26 -3.53 -3.67 1.39
CA GLY A 26 -4.33 -4.85 1.65
C GLY A 26 -5.06 -4.76 2.96
N GLN A 27 -6.21 -4.10 2.96
CA GLN A 27 -7.02 -3.95 4.16
C GLN A 27 -8.43 -4.48 3.94
N VAL A 28 -8.64 -5.74 4.32
CA VAL A 28 -9.95 -6.37 4.17
C VAL A 28 -10.48 -6.83 5.52
N ASN A 29 -11.75 -6.53 5.78
CA ASN A 29 -12.38 -6.91 7.04
C ASN A 29 -13.81 -7.42 6.81
N LEU A 30 -14.04 -8.70 7.09
CA LEU A 30 -15.37 -9.28 6.92
C LEU A 30 -16.07 -9.43 8.26
N ASN A 31 -15.70 -8.57 9.21
CA ASN A 31 -16.30 -8.61 10.55
C ASN A 31 -16.68 -7.22 11.01
N GLY A 1 23.60 -8.75 -4.03
CA GLY A 1 23.13 -7.98 -2.85
C GLY A 1 21.66 -7.62 -2.93
N SER A 2 20.81 -8.59 -2.69
CA SER A 2 19.36 -8.37 -2.75
C SER A 2 18.92 -7.43 -1.63
N GLN A 3 18.99 -6.13 -1.90
CA GLN A 3 18.60 -5.13 -0.92
C GLN A 3 17.24 -4.54 -1.28
N ILE A 4 16.33 -4.53 -0.31
CA ILE A 4 14.98 -3.99 -0.53
C ILE A 4 15.02 -2.61 -1.18
N THR A 5 14.04 -2.34 -2.01
CA THR A 5 13.95 -1.07 -2.71
C THR A 5 12.76 -0.24 -2.18
N GLY A 6 11.78 -0.94 -1.65
CA GLY A 6 10.61 -0.28 -1.11
C GLY A 6 9.83 0.47 -2.18
N THR A 7 8.87 -0.21 -2.80
CA THR A 7 8.06 0.40 -3.83
C THR A 7 6.88 1.11 -3.21
N CYS A 8 6.06 0.37 -2.48
CA CYS A 8 4.89 0.94 -1.85
C CYS A 8 5.29 1.76 -0.64
N PRO A 9 4.90 3.04 -0.59
CA PRO A 9 5.19 3.87 0.55
C PRO A 9 4.63 3.25 1.81
N SER A 10 5.38 3.33 2.89
CA SER A 10 4.96 2.75 4.17
C SER A 10 3.52 3.13 4.49
N VAL A 11 3.14 4.32 4.07
CA VAL A 11 1.80 4.82 4.31
C VAL A 11 0.77 3.88 3.71
N CYS A 12 1.16 3.15 2.67
CA CYS A 12 0.27 2.20 2.04
C CYS A 12 0.04 1.01 2.95
N SER A 13 0.99 0.76 3.86
CA SER A 13 0.84 -0.33 4.81
C SER A 13 -0.26 0.06 5.77
N GLY A 14 -0.32 1.36 6.06
CA GLY A 14 -1.35 1.87 6.93
C GLY A 14 -2.51 2.47 6.16
N ASP A 15 -2.38 3.73 5.74
CA ASP A 15 -3.43 4.40 5.00
C ASP A 15 -3.46 4.02 3.54
N CYS A 16 -4.48 3.31 3.16
CA CYS A 16 -4.66 2.90 1.78
C CYS A 16 -5.31 3.99 0.94
N TYR A 17 -4.81 5.21 1.04
CA TYR A 17 -5.39 6.32 0.28
C TYR A 17 -5.13 6.17 -1.22
N PRO A 18 -5.97 6.83 -2.04
CA PRO A 18 -5.89 6.80 -3.50
C PRO A 18 -4.47 6.92 -4.05
N GLU A 19 -3.53 7.41 -3.27
CA GLU A 19 -2.15 7.56 -3.75
C GLU A 19 -1.50 6.20 -3.94
N CYS A 20 -1.98 5.22 -3.19
CA CYS A 20 -1.45 3.88 -3.23
C CYS A 20 -1.72 3.21 -4.58
N PRO A 21 -0.65 2.74 -5.26
CA PRO A 21 -0.80 2.07 -6.55
C PRO A 21 -1.46 0.71 -6.41
N PRO A 22 -1.74 0.06 -7.54
CA PRO A 22 -2.39 -1.25 -7.59
C PRO A 22 -1.60 -2.36 -6.87
N GLY A 23 -2.28 -2.99 -5.93
CA GLY A 23 -1.73 -4.11 -5.19
C GLY A 23 -0.84 -3.74 -4.02
N CYS A 24 -0.78 -2.46 -3.67
CA CYS A 24 0.04 -2.07 -2.53
C CYS A 24 -0.78 -2.20 -1.25
N CYS A 25 -2.07 -1.94 -1.37
CA CYS A 25 -2.95 -1.98 -0.25
C CYS A 25 -4.38 -2.27 -0.69
N GLY A 26 -5.15 -2.89 0.20
CA GLY A 26 -6.52 -3.22 -0.09
C GLY A 26 -7.18 -3.96 1.03
N GLN A 27 -7.95 -3.24 1.85
CA GLN A 27 -8.64 -3.84 2.98
C GLN A 27 -10.10 -4.10 2.64
N VAL A 28 -10.35 -5.26 2.02
CA VAL A 28 -11.71 -5.63 1.63
C VAL A 28 -12.49 -6.13 2.84
N ASN A 29 -13.74 -5.70 2.94
CA ASN A 29 -14.60 -6.10 4.06
C ASN A 29 -14.01 -5.62 5.37
N LEU A 30 -14.33 -4.38 5.75
CA LEU A 30 -13.84 -3.81 6.99
C LEU A 30 -14.84 -3.97 8.12
N ASN A 31 -15.65 -5.03 8.04
CA ASN A 31 -16.65 -5.30 9.06
C ASN A 31 -17.66 -4.16 9.16
N GLY A 1 19.85 10.89 -5.14
CA GLY A 1 18.68 11.11 -6.03
C GLY A 1 17.43 10.42 -5.53
N SER A 2 16.63 11.15 -4.75
CA SER A 2 15.40 10.61 -4.20
C SER A 2 15.68 9.40 -3.32
N GLN A 3 14.76 9.11 -2.40
CA GLN A 3 14.90 7.98 -1.49
C GLN A 3 13.90 6.88 -1.84
N ILE A 4 14.33 5.63 -1.70
CA ILE A 4 13.48 4.49 -1.99
C ILE A 4 13.93 3.27 -1.19
N THR A 5 12.96 2.43 -0.82
CA THR A 5 13.25 1.23 -0.04
C THR A 5 12.70 -0.02 -0.73
N GLY A 6 11.64 0.16 -1.48
CA GLY A 6 11.02 -0.94 -2.19
C GLY A 6 10.13 -0.49 -3.32
N THR A 7 8.89 -0.12 -2.98
CA THR A 7 7.93 0.34 -3.96
C THR A 7 6.80 1.10 -3.30
N CYS A 8 5.97 0.37 -2.56
CA CYS A 8 4.83 0.97 -1.89
C CYS A 8 5.26 1.76 -0.67
N PRO A 9 4.88 3.05 -0.61
CA PRO A 9 5.21 3.87 0.54
C PRO A 9 4.63 3.24 1.80
N SER A 10 5.38 3.30 2.88
CA SER A 10 4.95 2.73 4.14
C SER A 10 3.52 3.12 4.48
N VAL A 11 3.15 4.31 4.07
CA VAL A 11 1.80 4.82 4.31
C VAL A 11 0.77 3.89 3.72
N CYS A 12 1.16 3.16 2.68
CA CYS A 12 0.25 2.22 2.06
C CYS A 12 0.05 1.02 2.96
N SER A 13 1.00 0.78 3.86
CA SER A 13 0.88 -0.31 4.80
C SER A 13 -0.22 0.06 5.77
N GLY A 14 -0.29 1.35 6.07
CA GLY A 14 -1.32 1.85 6.95
C GLY A 14 -2.50 2.44 6.20
N ASP A 15 -2.39 3.71 5.79
CA ASP A 15 -3.44 4.37 5.06
C ASP A 15 -3.46 4.02 3.59
N CYS A 16 -4.47 3.29 3.20
CA CYS A 16 -4.65 2.88 1.82
C CYS A 16 -5.32 3.97 0.99
N TYR A 17 -4.80 5.20 1.08
CA TYR A 17 -5.40 6.30 0.33
C TYR A 17 -5.12 6.16 -1.18
N PRO A 18 -5.97 6.80 -1.99
CA PRO A 18 -5.88 6.77 -3.46
C PRO A 18 -4.46 6.90 -4.01
N GLU A 19 -3.52 7.37 -3.21
CA GLU A 19 -2.14 7.53 -3.70
C GLU A 19 -1.49 6.16 -3.90
N CYS A 20 -1.98 5.17 -3.17
CA CYS A 20 -1.45 3.83 -3.25
C CYS A 20 -1.74 3.18 -4.62
N PRO A 21 -0.69 2.72 -5.31
CA PRO A 21 -0.84 2.08 -6.61
C PRO A 21 -1.47 0.70 -6.48
N PRO A 22 -1.77 0.06 -7.62
CA PRO A 22 -2.38 -1.26 -7.66
C PRO A 22 -1.58 -2.34 -6.94
N GLY A 23 -2.25 -3.00 -6.01
CA GLY A 23 -1.67 -4.09 -5.26
C GLY A 23 -0.80 -3.69 -4.08
N CYS A 24 -0.79 -2.42 -3.73
CA CYS A 24 -0.01 -1.99 -2.59
C CYS A 24 -0.81 -2.15 -1.30
N CYS A 25 -2.10 -1.91 -1.40
CA CYS A 25 -2.96 -1.96 -0.27
C CYS A 25 -4.41 -2.29 -0.66
N GLY A 26 -5.11 -2.93 0.25
CA GLY A 26 -6.49 -3.29 0.02
C GLY A 26 -7.04 -4.16 1.12
N GLN A 27 -7.71 -3.54 2.08
CA GLN A 27 -8.28 -4.26 3.20
C GLN A 27 -9.75 -3.90 3.40
N VAL A 28 -10.55 -4.18 2.38
CA VAL A 28 -11.97 -3.90 2.43
C VAL A 28 -12.79 -5.07 1.87
N ASN A 29 -13.61 -5.66 2.73
CA ASN A 29 -14.45 -6.79 2.33
C ASN A 29 -13.61 -7.91 1.71
N LEU A 30 -13.10 -8.78 2.56
CA LEU A 30 -12.28 -9.90 2.10
C LEU A 30 -13.05 -11.22 2.21
N ASN A 31 -14.27 -11.22 1.68
CA ASN A 31 -15.12 -12.41 1.73
C ASN A 31 -16.06 -12.44 0.53
#